data_5F01
#
_entry.id   5F01
#
_cell.length_a   102.413
_cell.length_b   102.413
_cell.length_c   170.162
_cell.angle_alpha   90.00
_cell.angle_beta   90.00
_cell.angle_gamma   120.00
#
_symmetry.space_group_name_H-M   'P 61 2 2'
#
loop_
_entity.id
_entity.type
_entity.pdbx_description
1 polymer 'Beta-secretase 1'
2 non-polymer 'SODIUM ION'
3 non-polymer 'DIMETHYL SULFOXIDE'
4 non-polymer (1~{R},2~{R})-2-[(4~{R})-2-azanyl-5,5-bis(fluoranyl)-4-methyl-6~{H}-1,3-oxazin-4-yl]-~{N}-(3-chloranylquinolin-8-yl)cyclopropane-1-carboxamide
5 non-polymer GLYCEROL
6 non-polymer 'ACETATE ION'
7 water water
#
_entity_poly.entity_id   1
_entity_poly.type   'polypeptide(L)'
_entity_poly.pdbx_seq_one_letter_code
;RGSFVEMVDNLRGKSGQGYYVEMTVGSPPQTLNILVDTGSSNFAVGAAPHPFLHRYYQRQLSSTYRDLRKGVYVPYTQGK
WEGELGTDLVSIPHGPNVTVRANIAAITESDKFFINGSNWEGILGLAYAEIARPDDSLEPFFDSLVKQTHVPNLFSLQLC
GAGFPLNQSEVLASVGGSMIIGGIDHSLYTGSLWYTPIRREWYYEVIIVRVEINGQDLKMDCKEYNYDKSIVDSGTTNLR
LPKKVFEAAVASIKAASSTEKFPDGFWLGEQLVCWQAGTTPWNIFPVISLYLMGEVTNQSFRITILPQQYLRPVEDVATS
QDDCYKFAISQSSTGTVMGAVIMEGFYVVFDRARKRIGFAVSACHVHDEFRTAAVEGPFVTLDMEDCGYN
;
_entity_poly.pdbx_strand_id   A
#
loop_
_chem_comp.id
_chem_comp.type
_chem_comp.name
_chem_comp.formula
5T7 non-polymer (1~{R},2~{R})-2-[(4~{R})-2-azanyl-5,5-bis(fluoranyl)-4-methyl-6~{H}-1,3-oxazin-4-yl]-~{N}-(3-chloranylquinolin-8-yl)cyclopropane-1-carboxamide 'C18 H17 Cl F2 N4 O2'
ACT non-polymer 'ACETATE ION' 'C2 H3 O2 -1'
DMS non-polymer 'DIMETHYL SULFOXIDE' 'C2 H6 O S'
GOL non-polymer GLYCEROL 'C3 H8 O3'
NA non-polymer 'SODIUM ION' 'Na 1'
#
# COMPACT_ATOMS: atom_id res chain seq x y z
N ARG A 1 21.92 -5.08 9.61
CA ARG A 1 20.74 -4.77 10.48
C ARG A 1 20.70 -3.29 10.84
N GLY A 2 19.54 -2.66 10.64
CA GLY A 2 19.29 -1.30 11.10
C GLY A 2 19.71 -0.13 10.20
N SER A 3 20.51 -0.44 9.18
CA SER A 3 21.07 0.59 8.30
C SER A 3 21.34 0.05 6.89
N PHE A 4 20.61 0.57 5.92
CA PHE A 4 20.66 0.08 4.53
C PHE A 4 20.68 1.27 3.58
N VAL A 5 21.78 2.04 3.61
CA VAL A 5 21.86 3.31 2.88
C VAL A 5 21.62 3.16 1.37
N GLU A 6 21.97 1.99 0.82
CA GLU A 6 21.84 1.73 -0.62
C GLU A 6 20.38 1.63 -1.06
N MET A 7 19.48 1.41 -0.10
CA MET A 7 18.04 1.22 -0.39
C MET A 7 17.16 2.43 -0.04
N VAL A 8 17.68 3.36 0.75
CA VAL A 8 16.93 4.57 1.07
C VAL A 8 16.64 5.36 -0.21
N ASP A 9 15.39 5.83 -0.36
CA ASP A 9 14.97 6.65 -1.48
C ASP A 9 14.93 5.86 -2.82
N ASN A 10 14.73 4.55 -2.71
CA ASN A 10 14.63 3.71 -3.92
C ASN A 10 13.21 3.62 -4.51
N LEU A 11 12.24 4.31 -3.91
CA LEU A 11 10.90 4.43 -4.47
C LEU A 11 10.67 5.79 -5.10
N ARG A 12 9.89 5.79 -6.19
CA ARG A 12 9.49 6.99 -6.89
CA ARG A 12 9.49 7.01 -6.88
C ARG A 12 8.03 6.85 -7.28
N GLY A 13 7.41 7.97 -7.64
CA GLY A 13 6.04 7.91 -8.13
C GLY A 13 5.53 9.29 -8.45
N LYS A 14 4.32 9.34 -8.96
CA LYS A 14 3.61 10.58 -9.13
C LYS A 14 2.30 10.47 -8.37
N SER A 15 1.89 11.59 -7.77
CA SER A 15 0.65 11.63 -7.01
CA SER A 15 0.63 11.63 -7.03
C SER A 15 -0.50 11.05 -7.86
N GLY A 16 -1.20 10.08 -7.30
CA GLY A 16 -2.32 9.43 -7.96
C GLY A 16 -1.93 8.23 -8.81
N GLN A 17 -0.63 7.92 -8.87
CA GLN A 17 -0.16 6.84 -9.75
C GLN A 17 0.65 5.78 -9.03
N GLY A 18 0.81 5.92 -7.72
CA GLY A 18 1.45 4.85 -6.91
C GLY A 18 2.96 4.94 -6.80
N TYR A 19 3.57 3.94 -6.15
CA TYR A 19 4.98 3.95 -5.79
C TYR A 19 5.65 2.77 -6.45
N TYR A 20 6.75 3.04 -7.16
CA TYR A 20 7.45 1.99 -7.89
C TYR A 20 8.92 1.93 -7.57
N VAL A 21 9.50 0.76 -7.81
CA VAL A 21 10.90 0.48 -7.59
C VAL A 21 11.49 0.01 -8.92
N GLU A 22 12.76 0.34 -9.16
CA GLU A 22 13.45 -0.18 -10.34
C GLU A 22 13.82 -1.62 -10.14
N MET A 23 13.56 -2.46 -11.15
CA MET A 23 13.97 -3.85 -11.16
C MET A 23 14.64 -4.17 -12.48
N THR A 24 15.36 -5.29 -12.51
CA THR A 24 15.83 -5.81 -13.80
C THR A 24 15.37 -7.23 -13.96
N VAL A 25 15.05 -7.58 -15.22
CA VAL A 25 14.65 -8.95 -15.56
C VAL A 25 15.52 -9.44 -16.73
N GLY A 26 15.97 -10.68 -16.65
CA GLY A 26 16.62 -11.31 -17.79
C GLY A 26 18.12 -11.12 -17.86
N SER A 27 18.72 -11.76 -18.88
CA SER A 27 20.17 -11.66 -19.13
C SER A 27 20.40 -11.41 -20.61
N PRO A 28 20.98 -10.26 -20.98
CA PRO A 28 21.41 -9.18 -20.07
C PRO A 28 20.21 -8.48 -19.41
N PRO A 29 20.47 -7.74 -18.31
CA PRO A 29 19.34 -7.21 -17.56
C PRO A 29 18.51 -6.18 -18.32
N GLN A 30 17.19 -6.33 -18.27
CA GLN A 30 16.30 -5.33 -18.82
C GLN A 30 15.69 -4.57 -17.67
N THR A 31 15.88 -3.26 -17.66
CA THR A 31 15.38 -2.40 -16.58
C THR A 31 13.90 -2.08 -16.77
N LEU A 32 13.12 -2.23 -15.69
CA LEU A 32 11.71 -1.88 -15.69
C LEU A 32 11.39 -1.19 -14.37
N ASN A 33 10.45 -0.24 -14.39
CA ASN A 33 9.87 0.27 -13.14
C ASN A 33 8.63 -0.50 -12.74
N ILE A 34 8.54 -0.87 -11.47
CA ILE A 34 7.55 -1.86 -11.02
C ILE A 34 6.82 -1.35 -9.77
N LEU A 35 5.50 -1.27 -9.87
CA LEU A 35 4.65 -0.83 -8.76
C LEU A 35 4.77 -1.79 -7.58
N VAL A 36 4.98 -1.24 -6.38
CA VAL A 36 5.13 -2.07 -5.18
C VAL A 36 3.73 -2.33 -4.62
N ASP A 37 3.32 -3.59 -4.59
CA ASP A 37 1.94 -3.95 -4.27
C ASP A 37 1.85 -5.01 -3.18
N THR A 38 1.66 -4.59 -1.93
CA THR A 38 1.47 -5.59 -0.85
C THR A 38 0.07 -6.23 -0.84
N GLY A 39 -0.80 -5.83 -1.79
CA GLY A 39 -2.16 -6.36 -1.88
C GLY A 39 -2.35 -7.46 -2.91
N SER A 40 -1.26 -7.94 -3.51
CA SER A 40 -1.33 -9.06 -4.48
C SER A 40 -0.04 -9.85 -4.45
N SER A 41 0.05 -10.95 -5.20
CA SER A 41 1.15 -11.89 -5.01
C SER A 41 1.82 -12.36 -6.29
N ASN A 42 1.49 -11.70 -7.42
CA ASN A 42 2.13 -12.02 -8.71
C ASN A 42 3.12 -10.95 -9.12
N PHE A 43 4.22 -11.39 -9.71
CA PHE A 43 5.14 -10.49 -10.38
C PHE A 43 4.72 -10.50 -11.83
N ALA A 44 4.18 -9.38 -12.30
CA ALA A 44 3.56 -9.34 -13.64
C ALA A 44 4.06 -8.10 -14.35
N VAL A 45 4.55 -8.26 -15.59
CA VAL A 45 5.14 -7.12 -16.27
C VAL A 45 4.64 -7.03 -17.70
N GLY A 46 4.44 -5.82 -18.19
CA GLY A 46 4.15 -5.62 -19.64
C GLY A 46 5.20 -6.34 -20.48
N ALA A 47 4.77 -7.08 -21.51
CA ALA A 47 5.68 -7.84 -22.37
C ALA A 47 5.34 -7.65 -23.85
N ALA A 48 4.57 -6.62 -24.13
CA ALA A 48 4.16 -6.29 -25.50
C ALA A 48 3.96 -4.79 -25.59
N PRO A 49 4.07 -4.22 -26.80
CA PRO A 49 4.05 -2.77 -26.98
C PRO A 49 2.70 -2.07 -26.81
N HIS A 50 2.13 -2.15 -25.61
CA HIS A 50 0.96 -1.36 -25.24
C HIS A 50 1.32 0.14 -25.29
N PRO A 51 0.43 1.00 -25.85
CA PRO A 51 0.79 2.43 -26.01
C PRO A 51 1.03 3.21 -24.73
N PHE A 52 0.57 2.71 -23.58
CA PHE A 52 0.78 3.43 -22.33
C PHE A 52 2.18 3.16 -21.75
N LEU A 53 2.90 2.17 -22.28
CA LEU A 53 4.13 1.68 -21.64
C LEU A 53 5.39 2.35 -22.13
N HIS A 54 6.25 2.76 -21.20
CA HIS A 54 7.57 3.27 -21.56
C HIS A 54 8.49 2.20 -22.13
N ARG A 55 8.31 0.98 -21.65
CA ARG A 55 9.14 -0.14 -22.06
C ARG A 55 8.43 -1.40 -21.61
N TYR A 56 8.95 -2.54 -22.02
CA TYR A 56 8.32 -3.80 -21.73
C TYR A 56 9.35 -4.90 -21.83
N TYR A 57 9.05 -6.01 -21.17
CA TYR A 57 9.93 -7.17 -21.12
C TYR A 57 9.95 -7.88 -22.47
N GLN A 58 11.14 -7.99 -23.04
CA GLN A 58 11.34 -8.65 -24.33
C GLN A 58 12.04 -9.99 -24.08
N ARG A 59 11.23 -11.02 -23.89
CA ARG A 59 11.77 -12.34 -23.52
C ARG A 59 12.77 -12.89 -24.52
N GLN A 60 12.60 -12.50 -25.79
CA GLN A 60 13.47 -13.02 -26.85
C GLN A 60 14.92 -12.53 -26.67
N LEU A 61 15.12 -11.47 -25.90
CA LEU A 61 16.45 -10.93 -25.66
C LEU A 61 17.15 -11.56 -24.43
N SER A 62 16.45 -12.42 -23.70
CA SER A 62 17.00 -12.95 -22.47
C SER A 62 17.46 -14.39 -22.65
N SER A 63 18.74 -14.63 -22.37
CA SER A 63 19.29 -15.99 -22.48
C SER A 63 18.90 -16.89 -21.32
N THR A 64 18.35 -16.30 -20.26
CA THR A 64 18.00 -17.04 -19.06
C THR A 64 16.49 -17.26 -18.86
N TYR A 65 15.68 -16.77 -19.81
CA TYR A 65 14.25 -17.05 -19.77
C TYR A 65 13.91 -18.52 -19.93
N ARG A 66 13.02 -19.00 -19.08
CA ARG A 66 12.51 -20.36 -19.16
C ARG A 66 10.98 -20.31 -19.18
N ASP A 67 10.40 -20.80 -20.28
CA ASP A 67 8.96 -20.85 -20.47
C ASP A 67 8.29 -21.94 -19.63
N LEU A 68 7.23 -21.58 -18.92
CA LEU A 68 6.44 -22.54 -18.12
C LEU A 68 5.29 -23.17 -18.90
N ARG A 69 5.12 -22.75 -20.16
CA ARG A 69 4.08 -23.29 -21.04
CA ARG A 69 4.08 -23.29 -21.04
C ARG A 69 2.71 -23.27 -20.37
N LYS A 70 2.37 -22.12 -19.80
CA LYS A 70 1.14 -21.97 -19.03
C LYS A 70 0.81 -20.49 -19.06
N GLY A 71 -0.47 -20.19 -19.26
CA GLY A 71 -0.96 -18.81 -19.26
C GLY A 71 -1.83 -18.54 -18.05
N VAL A 72 -2.16 -17.27 -17.84
CA VAL A 72 -3.09 -16.89 -16.78
C VAL A 72 -3.95 -15.69 -17.19
N TYR A 73 -5.23 -15.72 -16.82
CA TYR A 73 -6.15 -14.64 -17.10
C TYR A 73 -6.60 -14.12 -15.74
N VAL A 74 -6.34 -12.84 -15.52
CA VAL A 74 -6.48 -12.23 -14.20
C VAL A 74 -7.46 -11.06 -14.28
N PRO A 75 -8.74 -11.31 -13.94
CA PRO A 75 -9.69 -10.20 -13.87
C PRO A 75 -9.71 -9.57 -12.48
N TYR A 76 -9.74 -8.24 -12.43
CA TYR A 76 -9.93 -7.52 -11.17
C TYR A 76 -11.37 -6.96 -11.18
N THR A 77 -11.75 -6.20 -10.14
N THR A 77 -11.75 -6.23 -10.13
CA THR A 77 -13.09 -5.60 -10.08
CA THR A 77 -13.10 -5.67 -10.02
C THR A 77 -13.36 -4.74 -11.31
C THR A 77 -13.39 -4.73 -11.17
N GLN A 78 -12.41 -3.86 -11.61
N GLN A 78 -12.34 -4.10 -11.68
CA GLN A 78 -12.37 -3.20 -12.90
CA GLN A 78 -12.41 -3.29 -12.88
C GLN A 78 -11.03 -3.55 -13.53
C GLN A 78 -11.06 -3.38 -13.59
N GLY A 79 -11.06 -3.89 -14.82
CA GLY A 79 -9.82 -4.17 -15.55
C GLY A 79 -9.28 -5.57 -15.36
N LYS A 80 -8.35 -5.96 -16.23
CA LYS A 80 -7.89 -7.33 -16.30
C LYS A 80 -6.53 -7.37 -16.99
N TRP A 81 -5.81 -8.46 -16.81
CA TRP A 81 -4.69 -8.75 -17.70
C TRP A 81 -4.56 -10.23 -17.96
N GLU A 82 -3.92 -10.54 -19.09
CA GLU A 82 -3.68 -11.92 -19.50
CA GLU A 82 -3.66 -11.93 -19.45
C GLU A 82 -2.18 -12.05 -19.73
N GLY A 83 -1.60 -13.16 -19.27
CA GLY A 83 -0.17 -13.31 -19.41
C GLY A 83 0.28 -14.73 -19.67
N GLU A 84 1.56 -14.84 -20.00
CA GLU A 84 2.23 -16.12 -20.16
C GLU A 84 3.25 -16.25 -19.06
N LEU A 85 3.24 -17.40 -18.38
CA LEU A 85 4.13 -17.65 -17.25
C LEU A 85 5.48 -18.17 -17.65
N GLY A 86 6.50 -17.73 -16.95
CA GLY A 86 7.86 -18.19 -17.16
C GLY A 86 8.69 -17.86 -15.94
N THR A 87 9.96 -18.24 -15.97
CA THR A 87 10.92 -17.78 -14.96
C THR A 87 12.11 -17.08 -15.61
N ASP A 88 12.73 -16.17 -14.88
CA ASP A 88 13.94 -15.51 -15.34
C ASP A 88 14.66 -14.96 -14.14
N LEU A 89 15.86 -14.47 -14.38
CA LEU A 89 16.69 -13.88 -13.33
C LEU A 89 16.23 -12.46 -13.09
N VAL A 90 16.01 -12.14 -11.82
CA VAL A 90 15.47 -10.86 -11.39
C VAL A 90 16.38 -10.25 -10.32
N SER A 91 16.57 -8.94 -10.42
CA SER A 91 17.35 -8.20 -9.43
CA SER A 91 17.35 -8.19 -9.44
C SER A 91 16.68 -6.87 -9.12
N ILE A 92 17.03 -6.29 -7.98
CA ILE A 92 16.60 -4.95 -7.60
C ILE A 92 17.88 -4.15 -7.45
N PRO A 93 18.20 -3.29 -8.43
CA PRO A 93 19.47 -2.55 -8.42
C PRO A 93 19.73 -1.80 -7.11
N HIS A 94 18.73 -1.07 -6.60
CA HIS A 94 18.85 -0.36 -5.32
C HIS A 94 18.21 -1.21 -4.23
N GLY A 95 18.70 -2.43 -4.15
CA GLY A 95 18.22 -3.43 -3.20
C GLY A 95 19.39 -4.29 -2.79
N PRO A 96 19.11 -5.51 -2.32
CA PRO A 96 20.19 -6.42 -1.93
C PRO A 96 21.00 -6.82 -3.16
N ASN A 97 22.31 -7.04 -2.97
CA ASN A 97 23.19 -7.43 -4.07
CA ASN A 97 23.21 -7.43 -4.06
C ASN A 97 23.07 -8.93 -4.40
N VAL A 98 21.87 -9.31 -4.83
CA VAL A 98 21.55 -10.70 -5.17
C VAL A 98 20.74 -10.73 -6.47
N THR A 99 20.69 -11.91 -7.08
CA THR A 99 19.90 -12.16 -8.28
C THR A 99 19.19 -13.48 -8.04
N VAL A 100 17.88 -13.51 -8.27
CA VAL A 100 17.13 -14.74 -8.06
C VAL A 100 16.31 -15.16 -9.28
N ARG A 101 16.03 -16.45 -9.36
CA ARG A 101 15.15 -16.97 -10.40
C ARG A 101 13.73 -16.90 -9.88
N ALA A 102 12.94 -16.03 -10.49
CA ALA A 102 11.57 -15.80 -10.05
C ALA A 102 10.58 -16.06 -11.16
N ASN A 103 9.35 -16.41 -10.78
CA ASN A 103 8.22 -16.43 -11.67
C ASN A 103 7.91 -15.04 -12.20
N ILE A 104 7.57 -14.96 -13.48
CA ILE A 104 7.21 -13.71 -14.12
C ILE A 104 6.03 -13.97 -15.03
N ALA A 105 4.97 -13.19 -14.88
CA ALA A 105 3.84 -13.25 -15.80
C ALA A 105 4.08 -12.17 -16.85
N ALA A 106 4.28 -12.60 -18.09
CA ALA A 106 4.52 -11.67 -19.19
C ALA A 106 3.17 -11.26 -19.75
N ILE A 107 2.77 -10.01 -19.50
CA ILE A 107 1.44 -9.51 -19.85
C ILE A 107 1.38 -9.23 -21.33
N THR A 108 0.46 -9.92 -22.00
CA THR A 108 0.29 -9.81 -23.44
C THR A 108 -0.98 -9.09 -23.86
N GLU A 109 -1.95 -8.93 -22.95
CA GLU A 109 -3.18 -8.19 -23.24
C GLU A 109 -3.68 -7.69 -21.90
N SER A 110 -4.12 -6.43 -21.88
CA SER A 110 -4.65 -5.86 -20.65
C SER A 110 -5.69 -4.79 -20.95
N ASP A 111 -6.55 -4.56 -19.95
CA ASP A 111 -7.62 -3.59 -20.01
C ASP A 111 -7.71 -2.85 -18.67
N LYS A 112 -7.67 -1.52 -18.71
CA LYS A 112 -7.82 -0.67 -17.52
C LYS A 112 -6.86 -1.09 -16.41
N PHE A 113 -5.63 -1.39 -16.81
CA PHE A 113 -4.60 -1.88 -15.88
C PHE A 113 -3.45 -0.89 -15.86
N PHE A 114 -2.79 -0.69 -17.00
CA PHE A 114 -1.73 0.29 -17.07
C PHE A 114 -2.35 1.69 -17.13
N ILE A 115 -1.59 2.66 -16.64
CA ILE A 115 -2.04 4.03 -16.53
C ILE A 115 -1.36 4.87 -17.60
N ASN A 116 -2.15 5.57 -18.41
CA ASN A 116 -1.61 6.46 -19.43
C ASN A 116 -0.93 7.64 -18.77
N GLY A 117 0.37 7.71 -18.97
CA GLY A 117 1.20 8.76 -18.38
C GLY A 117 2.00 8.35 -17.15
N SER A 118 1.80 7.13 -16.67
CA SER A 118 2.59 6.66 -15.55
C SER A 118 3.97 6.19 -15.99
N ASN A 119 4.85 6.02 -15.01
CA ASN A 119 6.21 5.61 -15.28
C ASN A 119 6.54 4.19 -14.80
N TRP A 120 5.52 3.34 -14.68
CA TRP A 120 5.74 1.95 -14.33
C TRP A 120 5.10 1.02 -15.32
N GLU A 121 5.67 -0.18 -15.41
CA GLU A 121 5.43 -1.14 -16.49
CA GLU A 121 5.22 -1.09 -16.46
C GLU A 121 5.03 -2.53 -15.98
N GLY A 122 4.93 -2.70 -14.66
CA GLY A 122 4.57 -4.00 -14.12
C GLY A 122 4.28 -3.83 -12.64
N ILE A 123 3.92 -4.92 -11.98
CA ILE A 123 3.61 -4.89 -10.55
C ILE A 123 4.36 -5.97 -9.81
N LEU A 124 4.76 -5.65 -8.57
CA LEU A 124 5.43 -6.60 -7.72
C LEU A 124 4.50 -6.97 -6.57
N GLY A 125 3.87 -8.14 -6.67
CA GLY A 125 2.92 -8.58 -5.64
C GLY A 125 3.75 -9.17 -4.52
N LEU A 126 3.69 -8.50 -3.36
CA LEU A 126 4.51 -8.88 -2.19
C LEU A 126 3.75 -9.71 -1.16
N ALA A 127 2.49 -10.01 -1.41
CA ALA A 127 1.71 -10.85 -0.47
C ALA A 127 1.99 -12.35 -0.71
N TYR A 128 1.21 -13.22 -0.08
CA TYR A 128 1.55 -14.62 0.01
C TYR A 128 0.94 -15.49 -1.09
N ALA A 129 1.47 -16.71 -1.20
CA ALA A 129 1.10 -17.64 -2.28
C ALA A 129 -0.39 -17.98 -2.32
N GLU A 130 -1.05 -17.97 -1.16
CA GLU A 130 -2.47 -18.29 -1.10
CA GLU A 130 -2.49 -18.31 -1.12
C GLU A 130 -3.31 -17.50 -2.13
N ILE A 131 -2.91 -16.25 -2.41
CA ILE A 131 -3.67 -15.44 -3.36
C ILE A 131 -2.98 -15.22 -4.74
N ALA A 132 -1.92 -15.98 -5.00
CA ALA A 132 -1.25 -15.96 -6.30
C ALA A 132 -2.17 -16.55 -7.37
N ARG A 133 -2.04 -16.04 -8.60
CA ARG A 133 -2.80 -16.55 -9.73
C ARG A 133 -1.82 -17.33 -10.60
N PRO A 134 -2.24 -18.52 -11.09
CA PRO A 134 -3.57 -19.11 -11.05
C PRO A 134 -3.88 -19.87 -9.76
N ASP A 135 -2.85 -20.22 -9.00
CA ASP A 135 -3.03 -20.96 -7.74
C ASP A 135 -1.80 -20.79 -6.87
N ASP A 136 -1.84 -21.36 -5.66
CA ASP A 136 -0.78 -21.19 -4.68
C ASP A 136 0.53 -21.91 -4.98
N SER A 137 0.61 -22.64 -6.09
CA SER A 137 1.87 -23.29 -6.47
C SER A 137 2.81 -22.35 -7.23
N LEU A 138 2.31 -21.19 -7.65
CA LEU A 138 3.16 -20.18 -8.29
C LEU A 138 3.82 -19.31 -7.22
N GLU A 139 5.07 -19.64 -6.92
CA GLU A 139 5.81 -19.02 -5.82
C GLU A 139 5.91 -17.52 -6.07
N PRO A 140 5.48 -16.70 -5.09
CA PRO A 140 5.69 -15.25 -5.25
C PRO A 140 7.15 -14.84 -5.18
N PHE A 141 7.45 -13.65 -5.70
CA PHE A 141 8.81 -13.16 -5.78
C PHE A 141 9.55 -13.20 -4.45
N PHE A 142 8.91 -12.70 -3.39
CA PHE A 142 9.63 -12.55 -2.13
C PHE A 142 9.97 -13.92 -1.54
N ASP A 143 9.06 -14.87 -1.73
CA ASP A 143 9.32 -16.26 -1.33
C ASP A 143 10.54 -16.82 -2.06
N SER A 144 10.65 -16.57 -3.37
CA SER A 144 11.84 -17.01 -4.11
C SER A 144 13.11 -16.34 -3.60
N LEU A 145 13.02 -15.05 -3.31
CA LEU A 145 14.14 -14.29 -2.83
C LEU A 145 14.70 -14.91 -1.54
N VAL A 146 13.81 -15.17 -0.60
CA VAL A 146 14.21 -15.69 0.71
C VAL A 146 14.71 -17.14 0.57
N LYS A 147 14.04 -17.93 -0.25
CA LYS A 147 14.46 -19.32 -0.51
C LYS A 147 15.88 -19.41 -1.08
N GLN A 148 16.23 -18.50 -1.97
CA GLN A 148 17.45 -18.63 -2.80
C GLN A 148 18.66 -17.82 -2.31
N THR A 149 18.47 -17.00 -1.29
CA THR A 149 19.54 -16.12 -0.82
C THR A 149 19.58 -16.10 0.72
N HIS A 150 20.43 -15.24 1.27
CA HIS A 150 20.47 -15.10 2.72
C HIS A 150 19.72 -13.84 3.18
N VAL A 151 18.94 -13.24 2.27
CA VAL A 151 18.14 -12.08 2.63
C VAL A 151 17.10 -12.47 3.69
N PRO A 152 17.11 -11.77 4.83
CA PRO A 152 16.14 -12.10 5.88
C PRO A 152 14.69 -11.94 5.39
N ASN A 153 13.80 -12.73 5.99
CA ASN A 153 12.40 -12.78 5.60
C ASN A 153 11.57 -11.63 6.18
N LEU A 154 11.88 -10.42 5.72
CA LEU A 154 11.11 -9.24 6.06
C LEU A 154 11.47 -8.11 5.11
N PHE A 155 10.54 -7.19 4.94
CA PHE A 155 10.82 -5.97 4.23
C PHE A 155 10.05 -4.85 4.89
N SER A 156 10.46 -3.62 4.62
CA SER A 156 9.76 -2.47 5.19
C SER A 156 9.52 -1.40 4.15
N LEU A 157 8.45 -0.65 4.32
CA LEU A 157 8.06 0.41 3.38
C LEU A 157 7.83 1.74 4.06
N GLN A 158 8.46 2.76 3.52
CA GLN A 158 8.18 4.13 3.87
C GLN A 158 7.68 4.83 2.62
N LEU A 159 6.39 5.09 2.55
CA LEU A 159 5.78 5.82 1.44
C LEU A 159 5.63 7.28 1.84
N CYS A 160 6.26 8.16 1.07
CA CYS A 160 6.29 9.60 1.36
C CYS A 160 5.38 10.35 0.41
N GLY A 161 4.28 10.88 0.94
CA GLY A 161 3.21 11.49 0.14
C GLY A 161 3.51 12.90 -0.30
N ALA A 162 2.52 13.53 -0.92
CA ALA A 162 2.70 14.84 -1.55
C ALA A 162 1.83 15.93 -0.92
N GLY A 163 2.12 17.18 -1.32
CA GLY A 163 1.30 18.33 -0.97
C GLY A 163 1.57 19.46 -1.94
N PHE A 164 0.57 20.31 -2.17
CA PHE A 164 0.76 21.50 -3.00
C PHE A 164 1.81 22.43 -2.36
N PRO A 165 2.76 22.94 -3.17
CA PRO A 165 2.95 22.70 -4.60
C PRO A 165 3.69 21.40 -4.88
N LEU A 172 3.21 19.85 -8.96
CA LEU A 172 3.18 18.92 -7.84
C LEU A 172 4.44 18.06 -7.83
N ALA A 173 5.20 18.13 -6.74
CA ALA A 173 6.43 17.35 -6.64
C ALA A 173 6.12 15.87 -6.60
N SER A 174 7.05 15.08 -7.16
CA SER A 174 6.97 13.61 -7.17
C SER A 174 6.86 13.05 -5.76
N VAL A 175 6.23 11.88 -5.63
CA VAL A 175 6.26 11.16 -4.36
C VAL A 175 7.47 10.22 -4.37
N GLY A 176 7.76 9.64 -3.23
CA GLY A 176 8.95 8.83 -3.13
C GLY A 176 8.89 8.03 -1.86
N GLY A 177 10.01 7.49 -1.45
CA GLY A 177 10.05 6.69 -0.25
C GLY A 177 11.10 5.62 -0.36
N SER A 178 10.98 4.61 0.50
CA SER A 178 12.01 3.58 0.60
C SER A 178 11.39 2.23 0.81
N MET A 179 11.93 1.24 0.11
CA MET A 179 11.62 -0.16 0.38
CA MET A 179 11.63 -0.16 0.37
C MET A 179 12.91 -0.82 0.84
N ILE A 180 12.95 -1.19 2.12
CA ILE A 180 14.14 -1.80 2.68
C ILE A 180 13.91 -3.29 2.64
N ILE A 181 14.67 -3.96 1.80
CA ILE A 181 14.51 -5.36 1.56
CA ILE A 181 14.51 -5.38 1.55
C ILE A 181 15.45 -6.13 2.48
N GLY A 182 14.88 -6.95 3.35
CA GLY A 182 15.66 -7.77 4.29
C GLY A 182 15.99 -7.11 5.60
N GLY A 183 15.36 -5.99 5.91
CA GLY A 183 15.60 -5.33 7.17
C GLY A 183 14.82 -4.05 7.40
N ILE A 184 15.28 -3.32 8.40
CA ILE A 184 14.71 -2.07 8.86
CA ILE A 184 14.70 -2.04 8.73
C ILE A 184 15.80 -1.00 8.85
N ASP A 185 15.47 0.23 8.48
CA ASP A 185 16.40 1.33 8.61
C ASP A 185 15.83 2.30 9.62
N HIS A 186 16.50 2.43 10.77
CA HIS A 186 15.94 3.19 11.89
C HIS A 186 15.89 4.70 11.66
N SER A 187 16.56 5.17 10.60
CA SER A 187 16.51 6.59 10.24
C SER A 187 15.17 6.97 9.65
N LEU A 188 14.39 5.96 9.24
CA LEU A 188 13.14 6.20 8.52
C LEU A 188 11.91 6.47 9.39
N TYR A 189 12.06 6.36 10.71
CA TYR A 189 10.92 6.55 11.62
C TYR A 189 11.38 7.15 12.93
N THR A 190 10.42 7.70 13.67
CA THR A 190 10.69 8.23 15.00
C THR A 190 9.86 7.45 16.02
N GLY A 191 10.26 7.49 17.28
CA GLY A 191 9.56 6.76 18.31
C GLY A 191 9.77 5.27 18.17
N SER A 192 8.85 4.50 18.75
CA SER A 192 8.95 3.05 18.71
CA SER A 192 8.92 3.05 18.75
C SER A 192 8.05 2.43 17.65
N LEU A 193 8.48 1.27 17.18
CA LEU A 193 7.64 0.37 16.37
C LEU A 193 6.68 -0.35 17.32
N TRP A 194 5.42 -0.48 16.89
CA TRP A 194 4.39 -1.29 17.56
C TRP A 194 3.93 -2.32 16.56
N TYR A 195 3.80 -3.57 17.00
CA TYR A 195 3.47 -4.67 16.08
C TYR A 195 2.07 -5.23 16.28
N THR A 196 1.43 -5.53 15.15
CA THR A 196 0.13 -6.17 15.11
C THR A 196 0.29 -7.53 14.41
N PRO A 197 -0.42 -8.57 14.87
CA PRO A 197 -0.19 -9.88 14.25
C PRO A 197 -0.76 -9.96 12.83
N ILE A 198 -0.06 -10.66 11.95
CA ILE A 198 -0.65 -11.04 10.67
C ILE A 198 -1.58 -12.21 10.98
N ARG A 199 -2.86 -12.01 10.72
CA ARG A 199 -3.87 -12.96 11.17
C ARG A 199 -3.78 -14.28 10.43
N ARG A 200 -3.52 -14.17 9.13
CA ARG A 200 -3.42 -15.29 8.23
CA ARG A 200 -3.34 -15.31 8.27
C ARG A 200 -2.53 -14.82 7.09
N GLU A 201 -1.67 -15.70 6.61
CA GLU A 201 -0.77 -15.37 5.52
C GLU A 201 -1.44 -15.58 4.16
N TRP A 202 -2.15 -14.55 3.70
CA TRP A 202 -2.68 -14.55 2.32
C TRP A 202 -2.50 -13.14 1.77
N TYR A 203 -3.45 -12.24 2.04
CA TYR A 203 -3.15 -10.81 2.14
C TYR A 203 -2.36 -10.59 3.44
N TYR A 204 -1.88 -9.38 3.64
CA TYR A 204 -1.31 -9.00 4.94
C TYR A 204 -2.51 -8.59 5.77
N GLU A 205 -3.18 -9.62 6.34
CA GLU A 205 -4.44 -9.39 7.04
C GLU A 205 -4.15 -9.02 8.49
N VAL A 206 -4.85 -8.00 8.97
CA VAL A 206 -4.73 -7.54 10.36
C VAL A 206 -6.13 -7.41 10.97
N ILE A 207 -6.20 -7.13 12.28
CA ILE A 207 -7.47 -6.93 12.98
C ILE A 207 -7.50 -5.57 13.64
N ILE A 208 -8.49 -4.76 13.25
CA ILE A 208 -8.79 -3.46 13.83
C ILE A 208 -9.79 -3.65 14.96
N VAL A 209 -9.47 -3.10 16.12
CA VAL A 209 -10.29 -3.38 17.32
C VAL A 209 -11.12 -2.18 17.82
N ARG A 210 -10.81 -1.00 17.31
CA ARG A 210 -11.48 0.23 17.71
CA ARG A 210 -11.48 0.23 17.71
C ARG A 210 -11.19 1.29 16.64
N VAL A 211 -12.19 2.12 16.36
CA VAL A 211 -12.00 3.24 15.41
C VAL A 211 -12.48 4.49 16.10
N GLU A 212 -11.67 5.55 16.03
CA GLU A 212 -12.05 6.86 16.53
C GLU A 212 -11.91 7.94 15.47
N ILE A 213 -12.76 8.96 15.57
CA ILE A 213 -12.70 10.16 14.74
C ILE A 213 -12.52 11.33 15.73
N ASN A 214 -11.36 11.98 15.68
CA ASN A 214 -11.00 13.00 16.68
C ASN A 214 -11.20 12.48 18.10
N GLY A 215 -10.78 11.25 18.34
CA GLY A 215 -10.86 10.66 19.67
C GLY A 215 -12.24 10.16 20.06
N GLN A 216 -13.22 10.34 19.18
CA GLN A 216 -14.57 9.90 19.47
C GLN A 216 -14.80 8.53 18.84
N ASP A 217 -15.02 7.55 19.71
CA ASP A 217 -15.22 6.16 19.33
C ASP A 217 -16.51 5.98 18.52
N LEU A 218 -16.43 5.26 17.41
CA LEU A 218 -17.63 4.94 16.62
C LEU A 218 -18.55 3.95 17.35
N LYS A 219 -17.98 3.21 18.30
CA LYS A 219 -18.73 2.28 19.17
C LYS A 219 -19.50 1.19 18.43
N MET A 220 -19.01 0.82 17.26
CA MET A 220 -19.59 -0.28 16.51
C MET A 220 -19.06 -1.58 17.06
N ASP A 221 -19.81 -2.67 16.86
CA ASP A 221 -19.30 -4.01 17.10
C ASP A 221 -18.01 -4.14 16.27
N CYS A 222 -16.89 -4.46 16.92
CA CYS A 222 -15.61 -4.44 16.23
C CYS A 222 -15.51 -5.40 15.05
N LYS A 223 -16.36 -6.44 14.98
CA LYS A 223 -16.40 -7.36 13.85
CA LYS A 223 -16.33 -7.35 13.85
C LYS A 223 -16.69 -6.58 12.57
N GLU A 224 -17.45 -5.50 12.71
CA GLU A 224 -17.82 -4.65 11.58
C GLU A 224 -16.60 -4.01 10.94
N TYR A 225 -15.58 -3.73 11.75
CA TYR A 225 -14.36 -3.10 11.26
C TYR A 225 -13.55 -4.02 10.35
N ASN A 226 -13.81 -5.32 10.45
CA ASN A 226 -13.01 -6.32 9.74
C ASN A 226 -13.87 -7.24 8.88
N TYR A 227 -14.98 -6.70 8.41
CA TYR A 227 -15.95 -7.48 7.62
C TYR A 227 -15.63 -7.24 6.13
N ASP A 228 -15.13 -8.23 5.40
CA ASP A 228 -14.84 -9.59 5.82
C ASP A 228 -13.37 -9.78 6.17
N LYS A 229 -12.57 -8.73 5.97
CA LYS A 229 -11.13 -8.73 6.33
C LYS A 229 -10.64 -7.30 6.43
N SER A 230 -9.45 -7.12 7.02
CA SER A 230 -8.74 -5.85 6.97
C SER A 230 -7.32 -6.15 6.53
N ILE A 231 -6.81 -5.36 5.59
CA ILE A 231 -5.48 -5.63 5.02
C ILE A 231 -4.65 -4.38 4.88
N VAL A 232 -3.32 -4.56 4.80
CA VAL A 232 -2.40 -3.48 4.55
C VAL A 232 -1.97 -3.57 3.10
N ASP A 233 -2.27 -2.53 2.31
CA ASP A 233 -2.17 -2.62 0.83
C ASP A 233 -1.54 -1.39 0.16
N SER A 234 -0.25 -1.48 -0.18
CA SER A 234 0.43 -0.38 -0.85
C SER A 234 -0.06 -0.15 -2.28
N GLY A 235 -0.82 -1.11 -2.80
CA GLY A 235 -1.38 -1.00 -4.18
C GLY A 235 -2.76 -0.41 -4.26
N THR A 236 -3.23 0.23 -3.18
CA THR A 236 -4.52 0.93 -3.16
C THR A 236 -4.25 2.31 -2.59
N THR A 237 -4.81 3.34 -3.21
CA THR A 237 -4.69 4.69 -2.67
C THR A 237 -5.47 4.86 -1.35
N ASN A 238 -6.75 4.52 -1.39
CA ASN A 238 -7.67 4.95 -0.34
C ASN A 238 -7.52 4.17 0.95
N LEU A 239 -7.99 4.79 2.02
CA LEU A 239 -8.46 4.02 3.16
C LEU A 239 -9.88 3.57 2.84
N ARG A 240 -10.06 2.29 2.55
CA ARG A 240 -11.37 1.74 2.28
C ARG A 240 -11.94 1.16 3.57
N LEU A 241 -13.18 1.51 3.88
CA LEU A 241 -13.86 0.98 5.07
C LEU A 241 -15.11 0.19 4.70
N PRO A 242 -15.40 -0.90 5.44
CA PRO A 242 -16.65 -1.61 5.16
C PRO A 242 -17.81 -0.63 5.14
N LYS A 243 -18.77 -0.85 4.24
CA LYS A 243 -19.87 0.10 4.04
C LYS A 243 -20.48 0.65 5.33
N LYS A 244 -20.86 -0.24 6.25
CA LYS A 244 -21.54 0.19 7.49
C LYS A 244 -20.62 1.06 8.34
N VAL A 245 -19.33 0.75 8.31
CA VAL A 245 -18.33 1.53 9.05
C VAL A 245 -18.06 2.85 8.35
N PHE A 246 -17.99 2.82 7.02
CA PHE A 246 -17.84 4.07 6.28
C PHE A 246 -19.00 5.04 6.58
N GLU A 247 -20.22 4.51 6.57
CA GLU A 247 -21.42 5.32 6.86
C GLU A 247 -21.27 6.08 8.18
N ALA A 248 -20.90 5.35 9.23
CA ALA A 248 -20.68 5.93 10.55
C ALA A 248 -19.50 6.89 10.58
N ALA A 249 -18.39 6.49 9.97
CA ALA A 249 -17.20 7.33 9.95
C ALA A 249 -17.45 8.64 9.21
N VAL A 250 -18.08 8.57 8.06
CA VAL A 250 -18.30 9.79 7.29
C VAL A 250 -19.31 10.73 8.00
N ALA A 251 -20.32 10.16 8.65
CA ALA A 251 -21.25 10.95 9.49
C ALA A 251 -20.47 11.71 10.55
N SER A 252 -19.54 11.01 11.21
CA SER A 252 -18.72 11.62 12.24
C SER A 252 -17.75 12.66 11.70
N ILE A 253 -17.18 12.40 10.51
CA ILE A 253 -16.26 13.37 9.90
C ILE A 253 -16.98 14.64 9.45
N LYS A 254 -18.16 14.49 8.85
CA LYS A 254 -18.99 15.63 8.44
C LYS A 254 -19.33 16.52 9.64
N ALA A 255 -19.73 15.89 10.74
CA ALA A 255 -20.06 16.56 11.99
C ALA A 255 -18.86 17.34 12.54
N ALA A 256 -17.70 16.69 12.59
CA ALA A 256 -16.49 17.36 13.08
C ALA A 256 -16.06 18.57 12.25
N SER A 257 -16.40 18.54 10.96
CA SER A 257 -15.96 19.57 10.02
C SER A 257 -17.09 20.55 9.65
N SER A 258 -18.17 20.53 10.42
CA SER A 258 -19.42 21.21 10.06
C SER A 258 -19.35 22.74 10.02
N THR A 259 -18.23 23.33 10.43
CA THR A 259 -18.04 24.78 10.33
CA THR A 259 -18.02 24.78 10.33
C THR A 259 -17.91 25.23 8.88
N GLU A 260 -17.65 24.28 7.98
CA GLU A 260 -17.71 24.51 6.53
C GLU A 260 -18.57 23.41 5.95
N LYS A 261 -19.42 23.76 4.98
CA LYS A 261 -20.28 22.78 4.34
C LYS A 261 -19.78 22.46 2.93
N PHE A 262 -19.65 21.16 2.65
CA PHE A 262 -19.19 20.68 1.35
C PHE A 262 -20.33 19.89 0.70
N PRO A 263 -20.36 19.83 -0.65
CA PRO A 263 -21.43 19.06 -1.29
C PRO A 263 -21.39 17.57 -0.90
N ASP A 264 -22.56 16.94 -0.86
CA ASP A 264 -22.70 15.51 -0.56
C ASP A 264 -21.78 14.63 -1.40
N GLY A 265 -21.64 14.98 -2.68
CA GLY A 265 -20.80 14.23 -3.61
C GLY A 265 -19.34 14.21 -3.23
N PHE A 266 -18.87 15.26 -2.56
CA PHE A 266 -17.49 15.32 -2.11
C PHE A 266 -17.15 14.12 -1.21
N TRP A 267 -18.01 13.86 -0.23
CA TRP A 267 -17.78 12.79 0.73
C TRP A 267 -17.91 11.40 0.12
N LEU A 268 -18.55 11.32 -1.04
CA LEU A 268 -18.70 10.06 -1.77
C LEU A 268 -17.61 9.88 -2.83
N GLY A 269 -16.69 10.83 -2.90
CA GLY A 269 -15.63 10.83 -3.92
C GLY A 269 -16.17 11.00 -5.33
N GLU A 270 -17.31 11.68 -5.44
CA GLU A 270 -17.95 11.91 -6.75
C GLU A 270 -17.60 13.28 -7.31
N GLN A 271 -16.97 14.11 -6.49
CA GLN A 271 -16.48 15.42 -6.93
C GLN A 271 -15.34 15.92 -6.04
N LEU A 272 -14.51 16.80 -6.60
CA LEU A 272 -13.42 17.43 -5.85
C LEU A 272 -13.91 18.63 -5.07
N VAL A 273 -13.12 19.03 -4.08
CA VAL A 273 -13.30 20.32 -3.41
C VAL A 273 -12.00 21.08 -3.63
N CYS A 274 -12.12 22.39 -3.90
CA CYS A 274 -10.95 23.21 -4.16
C CYS A 274 -10.94 24.41 -3.21
N TRP A 275 -9.73 24.84 -2.85
CA TRP A 275 -9.54 26.06 -2.06
C TRP A 275 -8.48 26.92 -2.73
N GLN A 276 -8.58 28.24 -2.52
CA GLN A 276 -7.54 29.17 -2.95
C GLN A 276 -6.20 28.68 -2.40
N ALA A 277 -5.17 28.72 -3.24
CA ALA A 277 -3.84 28.19 -2.89
C ALA A 277 -3.37 28.60 -1.49
N GLY A 278 -2.85 27.62 -0.75
CA GLY A 278 -2.30 27.85 0.59
C GLY A 278 -3.32 28.08 1.69
N THR A 279 -4.61 27.94 1.37
CA THR A 279 -5.66 28.20 2.37
C THR A 279 -6.47 26.96 2.75
N THR A 280 -5.95 25.77 2.46
CA THR A 280 -6.64 24.53 2.83
C THR A 280 -6.86 24.55 4.35
N PRO A 281 -8.11 24.43 4.79
CA PRO A 281 -8.42 24.51 6.22
C PRO A 281 -8.22 23.17 6.94
N TRP A 282 -6.96 22.74 7.05
CA TRP A 282 -6.64 21.44 7.67
C TRP A 282 -7.30 21.26 9.03
N ASN A 283 -7.25 22.33 9.83
CA ASN A 283 -7.77 22.33 11.21
C ASN A 283 -9.24 21.91 11.39
N ILE A 284 -10.10 22.16 10.41
CA ILE A 284 -11.51 21.77 10.54
C ILE A 284 -11.76 20.27 10.37
N PHE A 285 -10.79 19.58 9.75
CA PHE A 285 -10.90 18.16 9.51
C PHE A 285 -10.31 17.34 10.65
N PRO A 286 -11.01 16.27 11.05
CA PRO A 286 -10.59 15.47 12.19
C PRO A 286 -9.46 14.52 11.84
N VAL A 287 -8.77 14.05 12.87
CA VAL A 287 -7.85 12.92 12.70
C VAL A 287 -8.64 11.62 12.73
N ILE A 288 -8.05 10.57 12.17
CA ILE A 288 -8.66 9.24 12.13
C ILE A 288 -7.72 8.29 12.83
N SER A 289 -8.24 7.54 13.82
CA SER A 289 -7.43 6.57 14.56
C SER A 289 -7.98 5.17 14.40
N LEU A 290 -7.07 4.25 14.09
CA LEU A 290 -7.38 2.83 14.11
C LEU A 290 -6.59 2.19 15.22
N TYR A 291 -7.27 1.45 16.09
CA TYR A 291 -6.55 0.67 17.09
C TYR A 291 -6.38 -0.70 16.52
N LEU A 292 -5.16 -1.23 16.62
CA LEU A 292 -4.87 -2.54 16.06
C LEU A 292 -4.58 -3.52 17.17
N MET A 293 -4.95 -4.78 16.96
CA MET A 293 -4.63 -5.84 17.90
C MET A 293 -3.12 -5.82 18.19
N GLY A 294 -2.76 -5.87 19.48
CA GLY A 294 -1.35 -5.90 19.81
C GLY A 294 -0.71 -7.29 19.87
N GLU A 295 0.53 -7.36 20.34
CA GLU A 295 1.24 -8.64 20.46
C GLU A 295 0.86 -9.46 21.69
N VAL A 296 0.29 -8.79 22.69
CA VAL A 296 -0.02 -9.42 23.97
C VAL A 296 -1.53 -9.49 24.17
N THR A 297 -1.98 -10.55 24.84
CA THR A 297 -3.38 -10.66 25.21
C THR A 297 -3.92 -9.39 25.85
N ASN A 298 -5.07 -8.94 25.37
CA ASN A 298 -5.77 -7.74 25.85
C ASN A 298 -5.01 -6.43 25.68
N GLN A 299 -3.98 -6.45 24.84
CA GLN A 299 -3.19 -5.24 24.57
C GLN A 299 -3.32 -4.78 23.13
N SER A 300 -3.55 -3.48 22.95
CA SER A 300 -3.63 -2.90 21.62
C SER A 300 -2.73 -1.65 21.51
N PHE A 301 -2.67 -1.08 20.31
CA PHE A 301 -2.00 0.22 20.13
C PHE A 301 -2.80 0.95 19.07
N ARG A 302 -2.53 2.25 18.91
CA ARG A 302 -3.34 3.11 18.05
C ARG A 302 -2.45 3.77 17.02
N ILE A 303 -2.91 3.79 15.78
CA ILE A 303 -2.28 4.62 14.73
C ILE A 303 -3.25 5.71 14.32
N THR A 304 -2.73 6.91 14.08
CA THR A 304 -3.56 8.09 13.83
C THR A 304 -3.02 8.84 12.62
N ILE A 305 -3.90 9.13 11.65
CA ILE A 305 -3.56 9.89 10.44
C ILE A 305 -4.33 11.20 10.38
N LEU A 306 -3.83 12.08 9.52
CA LEU A 306 -4.32 13.45 9.38
C LEU A 306 -5.08 13.64 8.08
N PRO A 307 -5.82 14.77 7.95
CA PRO A 307 -6.39 15.11 6.65
C PRO A 307 -5.34 15.23 5.55
N GLN A 308 -4.09 15.55 5.90
CA GLN A 308 -3.01 15.56 4.93
C GLN A 308 -2.82 14.21 4.24
N GLN A 309 -3.21 13.12 4.92
CA GLN A 309 -3.20 11.80 4.29
C GLN A 309 -4.47 11.51 3.50
N TYR A 310 -5.63 11.87 4.06
CA TYR A 310 -6.89 11.42 3.46
C TYR A 310 -7.56 12.38 2.48
N LEU A 311 -7.02 13.60 2.39
CA LEU A 311 -7.41 14.55 1.34
C LEU A 311 -6.28 14.54 0.32
N ARG A 312 -6.54 13.97 -0.86
CA ARG A 312 -5.46 13.81 -1.85
C ARG A 312 -5.40 15.02 -2.77
N PRO A 313 -4.20 15.60 -2.96
CA PRO A 313 -4.08 16.67 -3.95
C PRO A 313 -4.29 16.15 -5.37
N VAL A 314 -5.11 16.86 -6.14
CA VAL A 314 -5.31 16.52 -7.55
C VAL A 314 -4.78 17.70 -8.36
N GLU A 315 -3.68 17.48 -9.07
CA GLU A 315 -3.00 18.56 -9.79
C GLU A 315 -3.57 18.75 -11.20
N ASP A 316 -3.82 17.63 -11.89
CA ASP A 316 -4.26 17.65 -13.29
C ASP A 316 -5.75 17.94 -13.39
N VAL A 317 -6.12 19.18 -13.13
CA VAL A 317 -7.50 19.65 -13.21
C VAL A 317 -7.53 20.90 -14.09
N ALA A 318 -7.59 20.69 -15.41
CA ALA A 318 -7.57 21.77 -16.40
C ALA A 318 -8.78 22.72 -16.28
N THR A 319 -9.84 22.23 -15.63
CA THR A 319 -11.09 22.97 -15.42
C THR A 319 -11.02 24.01 -14.30
N SER A 320 -9.97 23.94 -13.47
CA SER A 320 -9.83 24.79 -12.28
C SER A 320 -8.45 25.42 -12.12
N GLN A 321 -8.39 26.51 -11.34
CA GLN A 321 -7.14 27.25 -11.12
C GLN A 321 -6.58 27.11 -9.70
N ASP A 322 -7.35 26.47 -8.81
CA ASP A 322 -7.06 26.41 -7.35
C ASP A 322 -6.38 25.10 -6.89
N ASP A 323 -6.22 24.97 -5.56
CA ASP A 323 -5.74 23.73 -4.90
C ASP A 323 -6.92 22.77 -4.69
N CYS A 324 -7.02 21.74 -5.53
CA CYS A 324 -8.14 20.80 -5.48
C CYS A 324 -7.76 19.47 -4.84
N TYR A 325 -8.72 18.89 -4.12
CA TYR A 325 -8.52 17.66 -3.35
C TYR A 325 -9.63 16.64 -3.54
N LYS A 326 -9.24 15.36 -3.47
CA LYS A 326 -10.21 14.27 -3.46
C LYS A 326 -10.26 13.67 -2.07
N PHE A 327 -11.47 13.40 -1.58
CA PHE A 327 -11.65 12.71 -0.30
C PHE A 327 -11.38 11.23 -0.57
N ALA A 328 -10.41 10.67 0.15
CA ALA A 328 -9.93 9.32 -0.16
C ALA A 328 -10.15 8.34 0.98
N ILE A 329 -11.21 8.55 1.75
CA ILE A 329 -11.80 7.49 2.56
C ILE A 329 -13.05 7.06 1.82
N SER A 330 -13.18 5.76 1.59
CA SER A 330 -14.29 5.27 0.79
C SER A 330 -14.88 3.97 1.28
N GLN A 331 -16.10 3.71 0.83
CA GLN A 331 -16.80 2.51 1.22
C GLN A 331 -16.30 1.29 0.47
N SER A 332 -16.38 0.12 1.12
CA SER A 332 -15.77 -1.06 0.59
C SER A 332 -16.76 -2.22 0.65
N SER A 333 -16.60 -3.15 -0.27
CA SER A 333 -17.26 -4.44 -0.11
C SER A 333 -16.24 -5.56 0.07
N THR A 334 -14.96 -5.20 0.21
CA THR A 334 -13.91 -6.20 0.36
C THR A 334 -13.21 -6.12 1.71
N GLY A 335 -13.81 -5.38 2.62
CA GLY A 335 -13.22 -5.20 3.95
C GLY A 335 -12.45 -3.89 4.06
N THR A 336 -11.74 -3.71 5.16
CA THR A 336 -10.93 -2.50 5.31
C THR A 336 -9.66 -2.67 4.45
N VAL A 337 -9.33 -1.61 3.72
CA VAL A 337 -8.06 -1.57 2.99
C VAL A 337 -7.27 -0.40 3.52
N MET A 338 -6.17 -0.73 4.18
N MET A 338 -6.18 -0.72 4.22
CA MET A 338 -5.26 0.29 4.67
CA MET A 338 -5.24 0.31 4.66
C MET A 338 -4.27 0.60 3.54
C MET A 338 -4.28 0.60 3.52
N GLY A 339 -4.72 1.46 2.63
CA GLY A 339 -3.92 1.85 1.46
C GLY A 339 -2.93 2.96 1.77
N ALA A 340 -2.52 3.67 0.72
CA ALA A 340 -1.55 4.74 0.87
C ALA A 340 -1.98 5.83 1.86
N VAL A 341 -3.29 6.07 1.97
CA VAL A 341 -3.83 7.02 2.94
C VAL A 341 -3.36 6.66 4.37
N ILE A 342 -3.34 5.38 4.70
CA ILE A 342 -2.76 4.96 5.99
C ILE A 342 -1.23 4.91 5.91
N MET A 343 -0.68 4.21 4.91
CA MET A 343 0.76 3.94 4.89
C MET A 343 1.63 5.18 4.82
N GLU A 344 1.14 6.25 4.20
CA GLU A 344 1.92 7.49 4.13
C GLU A 344 2.14 8.17 5.49
N GLY A 345 1.42 7.73 6.50
CA GLY A 345 1.69 8.25 7.84
C GLY A 345 2.85 7.56 8.54
N PHE A 346 3.23 6.37 8.05
CA PHE A 346 4.02 5.45 8.87
C PHE A 346 5.16 4.76 8.15
N TYR A 347 6.14 4.33 8.92
CA TYR A 347 7.07 3.33 8.46
C TYR A 347 6.45 1.98 8.81
N VAL A 348 6.28 1.13 7.79
CA VAL A 348 5.57 -0.12 7.96
C VAL A 348 6.51 -1.28 7.74
N VAL A 349 6.59 -2.16 8.74
CA VAL A 349 7.51 -3.30 8.70
C VAL A 349 6.72 -4.58 8.49
N PHE A 350 6.92 -5.21 7.34
CA PHE A 350 6.28 -6.49 7.04
C PHE A 350 7.19 -7.60 7.54
N ASP A 351 7.03 -7.91 8.82
CA ASP A 351 7.91 -8.87 9.49
C ASP A 351 7.35 -10.28 9.27
N ARG A 352 7.61 -10.81 8.08
CA ARG A 352 7.08 -12.10 7.70
C ARG A 352 7.61 -13.23 8.60
N ALA A 353 8.88 -13.12 8.99
CA ALA A 353 9.52 -14.13 9.83
C ALA A 353 8.75 -14.34 11.13
N ARG A 354 8.23 -13.25 11.69
N ARG A 354 8.22 -13.27 11.69
CA ARG A 354 7.48 -13.30 12.95
CA ARG A 354 7.45 -13.36 12.95
C ARG A 354 5.96 -13.09 12.80
C ARG A 354 5.95 -13.12 12.80
N LYS A 355 5.47 -13.17 11.56
CA LYS A 355 4.03 -13.06 11.27
C LYS A 355 3.42 -11.84 11.97
N ARG A 356 4.03 -10.68 11.75
CA ARG A 356 3.56 -9.45 12.36
C ARG A 356 3.92 -8.25 11.50
N ILE A 357 3.15 -7.17 11.65
CA ILE A 357 3.35 -5.92 10.92
CA ILE A 357 3.44 -5.95 10.93
C ILE A 357 3.67 -4.84 11.95
N GLY A 358 4.80 -4.15 11.80
CA GLY A 358 5.15 -3.03 12.70
C GLY A 358 4.80 -1.70 12.10
N PHE A 359 4.35 -0.78 12.96
CA PHE A 359 4.09 0.60 12.55
C PHE A 359 4.89 1.51 13.44
N ALA A 360 5.48 2.53 12.83
CA ALA A 360 6.08 3.64 13.57
C ALA A 360 5.82 4.93 12.80
N VAL A 361 5.85 6.05 13.50
CA VAL A 361 5.65 7.33 12.83
C VAL A 361 6.72 7.56 11.76
N SER A 362 6.30 7.87 10.52
CA SER A 362 7.24 8.07 9.43
C SER A 362 7.99 9.38 9.58
N ALA A 363 9.30 9.31 9.39
CA ALA A 363 10.15 10.49 9.39
C ALA A 363 9.81 11.44 8.23
N CYS A 364 9.13 10.93 7.18
CA CYS A 364 8.79 11.77 6.02
C CYS A 364 7.34 12.20 5.89
N HIS A 365 6.45 11.79 6.81
CA HIS A 365 5.03 12.04 6.55
C HIS A 365 4.62 13.51 6.49
N VAL A 366 3.57 13.80 5.71
CA VAL A 366 3.09 15.17 5.56
C VAL A 366 2.23 15.56 6.75
N HIS A 367 2.57 16.69 7.38
CA HIS A 367 1.79 17.16 8.52
C HIS A 367 1.84 18.68 8.58
N ASP A 368 1.43 19.25 9.71
CA ASP A 368 1.51 20.70 9.89
C ASP A 368 2.06 21.02 11.27
N GLU A 369 2.05 22.30 11.64
CA GLU A 369 2.62 22.75 12.91
C GLU A 369 1.77 22.33 14.13
N PHE A 370 0.52 21.96 13.90
CA PHE A 370 -0.39 21.65 15.00
C PHE A 370 -0.56 20.16 15.27
N ARG A 371 -0.49 19.35 14.22
CA ARG A 371 -0.74 17.89 14.35
C ARG A 371 0.28 17.05 13.56
N THR A 372 0.55 15.85 14.09
CA THR A 372 1.38 14.88 13.39
CA THR A 372 1.45 14.86 13.51
C THR A 372 0.71 13.51 13.45
N ALA A 373 1.06 12.65 12.49
CA ALA A 373 0.62 11.25 12.57
C ALA A 373 1.22 10.66 13.84
N ALA A 374 0.54 9.65 14.39
CA ALA A 374 0.96 9.07 15.67
C ALA A 374 0.84 7.55 15.73
N VAL A 375 1.71 6.93 16.51
CA VAL A 375 1.60 5.50 16.89
C VAL A 375 1.80 5.47 18.40
N GLU A 376 0.78 5.01 19.13
CA GLU A 376 0.76 5.14 20.59
C GLU A 376 0.28 3.85 21.23
N GLY A 377 0.85 3.52 22.37
CA GLY A 377 0.38 2.36 23.13
C GLY A 377 1.05 2.35 24.48
N PRO A 378 0.76 1.33 25.31
CA PRO A 378 -0.24 0.30 25.07
C PRO A 378 -1.62 0.76 25.52
N PHE A 379 -2.66 0.12 24.98
CA PHE A 379 -4.02 0.31 25.48
C PHE A 379 -4.56 -1.04 25.91
N VAL A 380 -5.59 -0.99 26.76
CA VAL A 380 -6.26 -2.19 27.26
C VAL A 380 -7.52 -2.39 26.45
N THR A 381 -7.58 -3.49 25.70
CA THR A 381 -8.73 -3.77 24.85
C THR A 381 -9.09 -5.23 25.00
N LEU A 382 -10.33 -5.47 25.45
CA LEU A 382 -10.79 -6.82 25.73
C LEU A 382 -11.52 -7.42 24.52
N ASP A 383 -11.55 -8.76 24.46
CA ASP A 383 -12.33 -9.48 23.43
C ASP A 383 -11.88 -9.18 22.00
N MET A 384 -10.58 -8.92 21.80
CA MET A 384 -10.08 -8.56 20.47
C MET A 384 -10.20 -9.70 19.47
N GLU A 385 -10.20 -10.94 19.96
CA GLU A 385 -10.33 -12.09 19.07
C GLU A 385 -11.70 -12.14 18.42
N ASP A 386 -12.72 -11.61 19.11
CA ASP A 386 -14.07 -11.49 18.55
C ASP A 386 -14.16 -10.50 17.39
N CYS A 387 -13.12 -9.70 17.16
CA CYS A 387 -13.19 -8.69 16.11
C CYS A 387 -12.90 -9.30 14.73
N GLY A 388 -12.30 -10.49 14.71
CA GLY A 388 -12.05 -11.18 13.44
C GLY A 388 -13.32 -11.75 12.84
N TYR A 389 -13.50 -11.58 11.53
CA TYR A 389 -14.62 -12.19 10.84
C TYR A 389 -14.27 -13.62 10.37
N ASN A 390 -15.22 -14.56 10.47
CA ASN A 390 -14.92 -15.95 10.08
C ASN A 390 -15.72 -16.49 8.89
NA NA B . 14.30 6.25 14.56
NA NA C . 17.27 -17.83 2.89
S DMS D . 11.74 -20.50 -8.57
O DMS D . 12.88 -21.05 -9.83
C1 DMS D . 10.49 -19.45 -9.35
C2 DMS D . 10.68 -21.88 -8.06
C5 5T7 E . -4.11 -3.97 -5.64
C7 5T7 E . -2.78 -2.12 -8.22
C8 5T7 E . -1.89 -3.15 -8.94
C10 5T7 E . -2.87 -0.78 -8.87
N12 5T7 E . -2.81 0.25 -8.03
C13 5T7 E . -3.59 -5.81 -8.63
C17 5T7 E . -2.88 1.62 -8.30
C20 5T7 E . -3.06 4.40 -8.61
C21 5T7 E . -2.42 2.46 -7.29
C22 5T7 E . -2.50 3.86 -7.44
C24 5T7 E . -1.48 4.05 -5.29
C1 5T7 E . -3.98 -4.47 -8.01
C2 5T7 E . -5.50 -4.36 -7.88
C3 5T7 E . -5.84 -3.14 -7.02
O4 5T7 E . -5.36 -3.48 -5.69
N6 5T7 E . -3.43 -4.42 -6.65
C9 5T7 E . -3.42 -3.34 -8.88
O11 5T7 E . -2.98 -0.63 -10.08
F14 5T7 E . -6.07 -4.19 -9.14
F15 5T7 E . -6.01 -5.54 -7.33
N16 5T7 E . -3.52 -3.96 -4.41
C18 5T7 E . -3.45 2.15 -9.44
C19 5T7 E . -3.51 3.55 -9.58
C23 5T7 E . -2.00 4.68 -6.40
C25 5T7 E . -1.44 2.67 -5.21
N26 5T7 E . -1.88 1.92 -6.18
CL2 5T7 E . -0.89 4.96 -3.94
S DMS F . -20.10 -8.91 10.42
O DMS F . -20.06 -7.38 11.34
C1 DMS F . -20.75 -10.25 11.46
C2 DMS F . -21.46 -8.84 9.21
C1 GOL G . -5.87 -0.61 -21.93
O1 GOL G . -5.65 -1.50 -23.02
C2 GOL G . -7.33 -0.72 -21.50
O2 GOL G . -7.68 0.44 -20.75
C3 GOL G . -8.28 -0.87 -22.69
O3 GOL G . -9.63 -0.66 -22.30
C ACT H . 0.36 8.53 -4.93
O ACT H . -0.33 9.49 -4.49
OXT ACT H . -0.11 7.67 -5.69
CH3 ACT H . 1.79 8.44 -4.57
#